data_5XZ0
#
_entry.id   5XZ0
#
_cell.length_a   174.565
_cell.length_b   174.630
_cell.length_c   48.769
_cell.angle_alpha   90.00
_cell.angle_beta   90.00
_cell.angle_gamma   90.00
#
_symmetry.space_group_name_H-M   'C 2 2 2'
#
loop_
_entity.id
_entity.type
_entity.pdbx_description
1 polymer 'Staphylococcal enterotoxin B'
2 water water
#
_entity_poly.entity_id   1
_entity_poly.type   'polypeptide(L)'
_entity_poly.pdbx_seq_one_letter_code
;SQPDPKPDELHKSSKFTGLMEAMKVLYDDNHVSAINVKSIDQFLYFDLIYSIKDTKLGNYDNVRVEFKNKDLADKYKDKY
VDVFGANYAYQCYFSKKTNDINSHQTDKAKTCMYGGVTEHNGNQLDKYRSITVRVFEDGKNLLSFDVQTNKKKVTAQELD
YLTRHYLVKNKKLYEANNSPYETGYIKFIENENSFWYDMMPAPGDKFDQSKYLMMYNDNKMVDSKDVKIEVYLTT
;
_entity_poly.pdbx_strand_id   A,B
#
# COMPACT_ATOMS: atom_id res chain seq x y z
N SER A 1 12.28 -4.31 20.31
CA SER A 1 11.08 -4.88 19.73
C SER A 1 11.43 -5.81 18.56
N GLN A 2 12.21 -5.31 17.63
CA GLN A 2 12.68 -6.14 16.53
C GLN A 2 13.73 -7.12 17.04
N PRO A 3 13.56 -8.42 16.83
CA PRO A 3 14.56 -9.39 17.31
C PRO A 3 15.89 -9.21 16.60
N ASP A 4 16.97 -9.44 17.36
CA ASP A 4 18.31 -9.29 16.84
C ASP A 4 18.57 -10.31 15.73
N PRO A 5 19.54 -10.06 14.85
CA PRO A 5 19.76 -10.95 13.70
C PRO A 5 19.99 -12.39 14.13
N LYS A 6 19.21 -13.29 13.53
CA LYS A 6 19.33 -14.72 13.79
C LYS A 6 20.59 -15.25 13.12
N PRO A 7 21.02 -16.47 13.49
CA PRO A 7 22.20 -17.06 12.84
C PRO A 7 22.02 -17.16 11.34
N ASP A 8 23.05 -16.72 10.60
CA ASP A 8 23.13 -16.73 9.14
C ASP A 8 22.09 -15.83 8.49
N GLU A 9 21.46 -14.94 9.25
CA GLU A 9 20.50 -14.02 8.65
C GLU A 9 21.19 -12.85 7.95
N LEU A 10 22.33 -12.41 8.47
CA LEU A 10 23.04 -11.29 7.87
C LEU A 10 23.63 -11.67 6.51
N HIS A 11 23.82 -10.66 5.67
CA HIS A 11 24.40 -10.86 4.35
C HIS A 11 25.93 -10.97 4.46
N LYS A 12 26.50 -11.95 3.78
CA LYS A 12 27.94 -12.13 3.73
C LYS A 12 28.51 -11.39 2.52
N SER A 13 29.54 -10.57 2.75
CA SER A 13 30.14 -9.82 1.64
C SER A 13 30.94 -10.73 0.72
N SER A 14 31.44 -11.86 1.22
CA SER A 14 32.16 -12.79 0.38
C SER A 14 31.25 -13.44 -0.66
N LYS A 15 29.96 -13.54 -0.37
CA LYS A 15 28.96 -14.02 -1.32
C LYS A 15 28.50 -12.95 -2.28
N PHE A 16 29.11 -11.77 -2.23
CA PHE A 16 28.82 -10.68 -3.15
C PHE A 16 30.03 -10.47 -4.05
N THR A 17 29.85 -10.70 -5.35
CA THR A 17 30.94 -10.59 -6.31
C THR A 17 30.82 -9.35 -7.18
N GLY A 18 29.87 -8.48 -6.90
CA GLY A 18 29.75 -7.22 -7.60
C GLY A 18 30.79 -6.23 -7.13
N LEU A 19 30.61 -4.98 -7.54
CA LEU A 19 31.56 -3.90 -7.22
C LEU A 19 31.06 -3.18 -5.98
N MET A 20 31.82 -3.31 -4.88
CA MET A 20 31.43 -2.70 -3.62
C MET A 20 31.33 -1.18 -3.71
N GLU A 21 31.99 -0.57 -4.69
CA GLU A 21 31.90 0.87 -4.88
C GLU A 21 30.45 1.32 -5.03
N ALA A 22 29.60 0.49 -5.61
CA ALA A 22 28.18 0.83 -5.75
C ALA A 22 27.57 1.17 -4.40
N MET A 23 27.78 0.31 -3.40
CA MET A 23 27.32 0.62 -2.05
C MET A 23 28.09 1.79 -1.44
N LYS A 24 29.37 1.96 -1.83
CA LYS A 24 30.20 2.98 -1.21
C LYS A 24 29.70 4.38 -1.51
N VAL A 25 29.27 4.64 -2.75
CA VAL A 25 28.79 5.97 -3.11
C VAL A 25 27.55 6.35 -2.31
N LEU A 26 26.83 5.38 -1.76
CA LEU A 26 25.64 5.69 -0.99
C LEU A 26 25.98 6.41 0.31
N TYR A 27 27.15 6.13 0.89
CA TYR A 27 27.53 6.72 2.17
C TYR A 27 28.87 7.44 2.08
N ASP A 28 29.11 8.12 0.96
CA ASP A 28 30.32 8.91 0.80
C ASP A 28 30.04 10.34 1.28
N ASP A 29 30.86 11.31 0.86
CA ASP A 29 30.67 12.69 1.28
C ASP A 29 29.41 13.33 0.70
N ASN A 30 28.77 12.69 -0.28
CA ASN A 30 27.69 13.33 -1.03
C ASN A 30 26.35 12.71 -0.65
N HIS A 31 25.39 13.57 -0.32
CA HIS A 31 24.03 13.15 -0.03
C HIS A 31 23.10 14.31 -0.32
N VAL A 32 21.82 14.11 -0.02
CA VAL A 32 20.79 15.15 -0.18
C VAL A 32 20.49 15.72 1.19
N SER A 33 20.67 17.04 1.33
CA SER A 33 20.39 17.76 2.56
C SER A 33 19.76 19.09 2.19
N ALA A 34 18.58 19.35 2.77
CA ALA A 34 17.84 20.58 2.51
C ALA A 34 17.12 20.98 3.78
N ILE A 35 16.96 22.29 3.98
CA ILE A 35 16.33 22.84 5.17
C ILE A 35 15.19 23.75 4.72
N ASN A 36 14.01 23.56 5.32
CA ASN A 36 12.86 24.45 5.16
C ASN A 36 12.38 24.49 3.71
N VAL A 37 11.96 23.32 3.23
CA VAL A 37 11.50 23.16 1.86
C VAL A 37 10.12 22.51 1.87
N LYS A 38 9.26 22.93 0.94
CA LYS A 38 7.92 22.38 0.78
C LYS A 38 7.84 21.76 -0.61
N SER A 39 6.97 20.75 -0.75
CA SER A 39 6.84 20.05 -2.01
C SER A 39 6.37 21.01 -3.11
N ILE A 40 6.85 20.77 -4.32
CA ILE A 40 6.48 21.58 -5.48
C ILE A 40 5.70 20.80 -6.51
N ASP A 41 5.81 19.47 -6.54
CA ASP A 41 5.14 18.65 -7.54
C ASP A 41 5.06 17.23 -7.01
N GLN A 42 4.28 16.40 -7.70
CA GLN A 42 4.08 15.01 -7.30
C GLN A 42 3.99 14.15 -8.55
N PHE A 43 4.88 13.16 -8.65
CA PHE A 43 4.86 12.24 -9.79
C PHE A 43 3.87 11.11 -9.58
N LEU A 44 4.10 10.27 -8.56
CA LEU A 44 3.16 9.22 -8.18
C LEU A 44 2.60 9.51 -6.79
N TYR A 45 1.57 8.74 -6.42
CA TYR A 45 0.82 9.03 -5.21
C TYR A 45 1.60 8.71 -3.93
N PHE A 46 2.80 8.15 -4.02
CA PHE A 46 3.62 7.89 -2.84
C PHE A 46 4.97 8.61 -2.87
N ASP A 47 5.15 9.57 -3.77
CA ASP A 47 6.36 10.37 -3.81
C ASP A 47 6.02 11.84 -3.59
N LEU A 48 7.06 12.62 -3.33
CA LEU A 48 6.96 14.07 -3.32
C LEU A 48 8.18 14.62 -4.06
N ILE A 49 8.02 15.79 -4.68
CA ILE A 49 9.07 16.39 -5.49
C ILE A 49 9.43 17.73 -4.89
N TYR A 50 10.71 17.91 -4.56
CA TYR A 50 11.22 19.10 -3.89
C TYR A 50 12.23 19.80 -4.79
N SER A 51 12.15 21.13 -4.83
CA SER A 51 13.12 21.96 -5.54
C SER A 51 14.37 22.11 -4.68
N ILE A 52 15.13 21.02 -4.61
CA ILE A 52 16.38 20.96 -3.85
C ILE A 52 17.52 21.05 -4.85
N LYS A 53 18.46 21.96 -4.61
CA LYS A 53 19.54 22.23 -5.55
C LYS A 53 20.86 21.65 -5.07
N ASP A 54 21.65 21.16 -6.02
CA ASP A 54 22.96 20.57 -5.75
C ASP A 54 24.02 21.67 -5.83
N THR A 55 24.17 22.40 -4.73
CA THR A 55 25.19 23.44 -4.67
C THR A 55 26.60 22.87 -4.76
N LYS A 56 26.76 21.57 -4.54
CA LYS A 56 28.08 20.94 -4.56
C LYS A 56 28.61 20.78 -5.99
N LEU A 57 27.99 19.90 -6.77
CA LEU A 57 28.43 19.63 -8.13
C LEU A 57 27.42 20.04 -9.20
N GLY A 58 26.26 20.57 -8.80
CA GLY A 58 25.27 20.96 -9.78
C GLY A 58 24.66 19.81 -10.55
N ASN A 59 24.63 18.62 -9.96
CA ASN A 59 24.10 17.45 -10.66
C ASN A 59 22.58 17.52 -10.77
N TYR A 60 21.89 17.70 -9.64
CA TYR A 60 20.43 17.71 -9.63
C TYR A 60 19.91 19.07 -9.23
N ASP A 61 18.72 19.40 -9.76
CA ASP A 61 17.97 20.57 -9.33
C ASP A 61 16.63 20.22 -8.70
N ASN A 62 16.17 18.98 -8.84
CA ASN A 62 14.94 18.51 -8.21
C ASN A 62 15.20 17.14 -7.61
N VAL A 63 14.51 16.84 -6.52
CA VAL A 63 14.74 15.59 -5.79
C VAL A 63 13.39 14.97 -5.46
N ARG A 64 13.27 13.65 -5.68
CA ARG A 64 12.00 12.93 -5.53
C ARG A 64 12.09 11.95 -4.37
N VAL A 65 11.36 12.25 -3.29
CA VAL A 65 11.30 11.37 -2.13
C VAL A 65 10.23 10.30 -2.39
N GLU A 66 10.60 9.04 -2.16
CA GLU A 66 9.66 7.93 -2.24
C GLU A 66 9.33 7.41 -0.85
N PHE A 67 8.06 7.15 -0.60
CA PHE A 67 7.59 6.64 0.68
C PHE A 67 6.99 5.24 0.51
N LYS A 68 6.85 4.54 1.64
CA LYS A 68 6.32 3.19 1.61
C LYS A 68 4.84 3.17 1.21
N ASN A 69 4.05 4.09 1.77
CA ASN A 69 2.63 4.12 1.47
C ASN A 69 2.18 5.49 0.98
N LYS A 70 0.87 5.73 0.99
CA LYS A 70 0.32 7.01 0.57
C LYS A 70 0.16 7.98 1.74
N ASP A 71 -0.06 7.46 2.94
CA ASP A 71 -0.30 8.33 4.09
C ASP A 71 0.90 9.22 4.38
N LEU A 72 2.10 8.76 4.01
CA LEU A 72 3.30 9.58 4.25
C LEU A 72 3.37 10.73 3.26
N ALA A 73 3.21 10.44 1.97
CA ALA A 73 3.24 11.50 0.96
C ALA A 73 2.12 12.51 1.22
N ASP A 74 0.92 12.02 1.52
CA ASP A 74 -0.18 12.94 1.84
C ASP A 74 0.08 13.67 3.16
N LYS A 75 0.83 13.05 4.06
CA LYS A 75 1.19 13.72 5.30
C LYS A 75 2.08 14.92 5.04
N TYR A 76 3.27 14.69 4.49
CA TYR A 76 4.26 15.74 4.30
C TYR A 76 4.09 16.51 3.01
N LYS A 77 2.90 16.47 2.40
CA LYS A 77 2.71 17.09 1.09
C LYS A 77 2.79 18.61 1.17
N ASP A 78 2.03 19.22 2.07
CA ASP A 78 1.95 20.67 2.16
C ASP A 78 2.70 21.25 3.34
N LYS A 79 3.59 20.48 3.96
CA LYS A 79 4.31 20.91 5.15
C LYS A 79 5.75 21.28 4.79
N TYR A 80 6.25 22.33 5.44
CA TYR A 80 7.64 22.72 5.27
C TYR A 80 8.52 21.77 6.08
N VAL A 81 9.50 21.15 5.42
CA VAL A 81 10.26 20.06 6.00
C VAL A 81 11.75 20.27 5.75
N ASP A 82 12.55 19.46 6.44
CA ASP A 82 13.96 19.25 6.14
C ASP A 82 14.12 17.87 5.54
N VAL A 83 15.06 17.76 4.60
CA VAL A 83 15.31 16.54 3.84
C VAL A 83 16.76 16.13 4.07
N PHE A 84 16.97 14.82 4.27
CA PHE A 84 18.31 14.29 4.48
C PHE A 84 18.30 12.82 4.12
N GLY A 85 19.16 12.42 3.18
CA GLY A 85 19.24 11.02 2.83
C GLY A 85 20.14 10.78 1.64
N ALA A 86 20.17 9.52 1.24
CA ALA A 86 21.07 9.05 0.18
C ALA A 86 20.32 9.03 -1.14
N ASN A 87 20.86 9.73 -2.14
CA ASN A 87 20.33 9.70 -3.49
C ASN A 87 21.01 8.61 -4.31
N TYR A 88 20.29 8.09 -5.31
CA TYR A 88 20.81 6.94 -6.04
C TYR A 88 20.68 7.03 -7.56
N ALA A 89 19.73 7.76 -8.11
CA ALA A 89 19.50 7.76 -9.55
C ALA A 89 19.59 9.17 -10.11
N TYR A 90 19.54 9.24 -11.44
CA TYR A 90 19.41 10.50 -12.16
C TYR A 90 18.45 10.24 -13.32
N GLN A 91 17.26 10.84 -13.26
CA GLN A 91 16.20 10.54 -14.20
C GLN A 91 15.71 11.81 -14.87
N CYS A 92 14.75 11.66 -15.78
CA CYS A 92 14.15 12.78 -16.51
C CYS A 92 12.64 12.63 -16.52
N TYR A 93 11.95 13.72 -16.20
CA TYR A 93 10.48 13.76 -16.06
C TYR A 93 9.92 12.52 -15.36
N ASP A 107 17.42 21.10 -19.50
CA ASP A 107 17.31 21.23 -18.05
C ASP A 107 18.19 20.21 -17.33
N LYS A 108 18.40 20.42 -16.04
CA LYS A 108 19.15 19.47 -15.24
C LYS A 108 18.29 18.26 -14.92
N ALA A 109 18.94 17.18 -14.49
CA ALA A 109 18.23 15.96 -14.16
C ALA A 109 17.69 16.02 -12.73
N LYS A 110 16.95 14.97 -12.36
CA LYS A 110 16.42 14.83 -11.02
C LYS A 110 16.91 13.53 -10.41
N THR A 111 17.13 13.55 -9.10
CA THR A 111 17.61 12.40 -8.37
C THR A 111 16.52 11.90 -7.42
N CYS A 112 16.63 10.65 -7.03
CA CYS A 112 15.64 9.97 -6.21
C CYS A 112 16.22 9.57 -4.87
N MET A 113 15.33 9.40 -3.89
CA MET A 113 15.70 8.88 -2.59
C MET A 113 14.45 8.36 -1.90
N TYR A 114 14.61 7.89 -0.66
CA TYR A 114 13.53 7.32 0.13
C TYR A 114 13.49 8.02 1.48
N GLY A 115 12.30 8.46 1.88
CA GLY A 115 12.10 8.99 3.22
C GLY A 115 13.01 10.15 3.53
N GLY A 116 13.51 10.17 4.76
CA GLY A 116 14.44 11.21 5.17
C GLY A 116 13.82 12.59 5.29
N VAL A 117 12.53 12.67 5.58
CA VAL A 117 11.81 13.93 5.65
C VAL A 117 11.33 14.13 7.08
N THR A 118 11.73 15.25 7.69
CA THR A 118 11.27 15.61 9.02
C THR A 118 10.64 16.99 8.98
N GLU A 119 9.65 17.22 9.85
CA GLU A 119 9.03 18.53 9.90
C GLU A 119 10.04 19.56 10.41
N HIS A 120 9.91 20.80 9.92
CA HIS A 120 10.85 21.84 10.30
C HIS A 120 10.48 22.49 11.63
N ASN A 121 9.29 23.07 11.71
CA ASN A 121 8.91 23.85 12.88
C ASN A 121 8.86 23.00 14.14
N GLY A 122 9.39 23.56 15.23
CA GLY A 122 9.40 22.87 16.51
C GLY A 122 10.28 21.64 16.53
N ASN A 123 11.29 21.58 15.66
CA ASN A 123 12.16 20.43 15.58
C ASN A 123 13.65 20.78 15.60
N GLN A 124 14.00 22.06 15.70
CA GLN A 124 15.39 22.49 15.67
C GLN A 124 15.90 22.69 17.09
N LEU A 125 17.14 22.25 17.33
CA LEU A 125 17.78 22.37 18.63
C LEU A 125 18.71 23.58 18.66
N ASP A 126 19.02 24.03 19.88
CA ASP A 126 19.92 25.16 20.07
C ASP A 126 21.33 24.82 19.61
N LYS A 127 21.99 23.92 20.33
CA LYS A 127 23.32 23.46 19.96
C LYS A 127 23.23 22.07 19.32
N TYR A 128 24.38 21.57 18.87
CA TYR A 128 24.44 20.27 18.18
C TYR A 128 24.37 19.13 19.18
N ARG A 129 23.32 18.33 19.08
CA ARG A 129 23.17 17.17 19.95
C ARG A 129 24.05 16.02 19.45
N SER A 130 24.83 15.45 20.35
CA SER A 130 25.74 14.36 20.03
C SER A 130 25.10 13.03 20.39
N ILE A 131 25.32 12.04 19.54
CA ILE A 131 24.86 10.67 19.77
C ILE A 131 26.07 9.75 19.68
N THR A 132 26.28 8.95 20.72
CA THR A 132 27.45 8.08 20.79
C THR A 132 27.19 6.77 20.07
N VAL A 133 28.17 6.35 19.28
CA VAL A 133 28.11 5.13 18.48
C VAL A 133 29.23 4.21 18.94
N ARG A 134 28.85 3.04 19.44
CA ARG A 134 29.78 1.99 19.84
C ARG A 134 29.89 0.99 18.70
N VAL A 135 31.13 0.64 18.35
CA VAL A 135 31.42 -0.30 17.26
C VAL A 135 32.09 -1.53 17.85
N PHE A 136 31.63 -2.71 17.44
CA PHE A 136 32.16 -3.97 17.93
C PHE A 136 32.71 -4.78 16.75
N GLU A 137 34.02 -5.02 16.76
CA GLU A 137 34.67 -5.84 15.75
C GLU A 137 34.83 -7.25 16.30
N ASP A 138 34.04 -8.18 15.77
CA ASP A 138 34.07 -9.59 16.15
C ASP A 138 33.75 -9.80 17.63
N GLY A 139 33.19 -8.80 18.31
CA GLY A 139 32.79 -8.96 19.70
C GLY A 139 33.29 -7.89 20.64
N LYS A 140 34.53 -7.43 20.44
CA LYS A 140 35.13 -6.44 21.34
C LYS A 140 34.79 -5.03 20.87
N ASN A 141 34.54 -4.15 21.84
CA ASN A 141 34.26 -2.75 21.56
C ASN A 141 35.59 -2.01 21.43
N LEU A 142 36.05 -1.86 20.18
CA LEU A 142 37.32 -1.21 19.92
C LEU A 142 37.19 0.25 19.49
N LEU A 143 36.00 0.67 19.06
CA LEU A 143 35.83 1.98 18.46
C LEU A 143 34.53 2.61 18.96
N SER A 144 34.54 3.93 19.11
CA SER A 144 33.36 4.66 19.58
C SER A 144 33.49 6.11 19.14
N PHE A 145 32.51 6.61 18.39
CA PHE A 145 32.56 7.98 17.88
C PHE A 145 31.19 8.62 18.00
N ASP A 146 31.15 9.95 17.94
CA ASP A 146 29.91 10.69 18.07
C ASP A 146 29.45 11.20 16.71
N VAL A 147 28.13 11.25 16.52
CA VAL A 147 27.50 11.85 15.35
C VAL A 147 26.51 12.90 15.83
N GLN A 148 26.53 14.08 15.21
CA GLN A 148 25.76 15.21 15.69
C GLN A 148 24.53 15.44 14.83
N THR A 149 23.53 16.11 15.42
CA THR A 149 22.33 16.52 14.69
C THR A 149 21.63 17.61 15.48
N ASN A 150 20.89 18.45 14.76
CA ASN A 150 20.13 19.55 15.34
C ASN A 150 18.63 19.31 15.27
N LYS A 151 18.22 18.05 15.25
CA LYS A 151 16.83 17.67 15.08
C LYS A 151 16.36 16.92 16.33
N LYS A 152 15.30 17.43 16.96
CA LYS A 152 14.67 16.67 18.05
C LYS A 152 14.27 15.28 17.56
N LYS A 153 13.48 15.23 16.51
CA LYS A 153 13.15 13.99 15.81
C LYS A 153 14.00 13.91 14.55
N VAL A 154 14.75 12.83 14.39
CA VAL A 154 15.64 12.65 13.25
C VAL A 154 15.39 11.28 12.63
N THR A 155 15.43 11.20 11.31
CA THR A 155 15.24 9.92 10.63
C THR A 155 16.40 8.98 10.95
N ALA A 156 16.08 7.69 11.02
CA ALA A 156 17.12 6.69 11.19
C ALA A 156 18.06 6.67 9.99
N GLN A 157 17.57 7.10 8.83
CA GLN A 157 18.43 7.19 7.65
C GLN A 157 19.58 8.18 7.87
N GLU A 158 19.29 9.33 8.49
CA GLU A 158 20.33 10.33 8.70
C GLU A 158 21.42 9.84 9.63
N LEU A 159 21.03 9.28 10.78
CA LEU A 159 22.02 8.75 11.72
C LEU A 159 22.79 7.60 11.10
N ASP A 160 22.10 6.74 10.34
CA ASP A 160 22.77 5.65 9.65
C ASP A 160 23.79 6.18 8.65
N TYR A 161 23.44 7.23 7.92
CA TYR A 161 24.36 7.78 6.94
C TYR A 161 25.57 8.42 7.61
N LEU A 162 25.36 9.09 8.74
CA LEU A 162 26.48 9.67 9.48
C LEU A 162 27.42 8.58 9.98
N THR A 163 26.85 7.57 10.64
CA THR A 163 27.66 6.46 11.15
C THR A 163 28.42 5.77 10.03
N ARG A 164 27.69 5.28 9.02
CA ARG A 164 28.35 4.59 7.92
C ARG A 164 29.33 5.48 7.18
N HIS A 165 29.13 6.80 7.22
CA HIS A 165 30.08 7.71 6.58
C HIS A 165 31.39 7.73 7.36
N TYR A 166 31.31 7.89 8.68
CA TYR A 166 32.51 7.79 9.50
C TYR A 166 33.22 6.46 9.29
N LEU A 167 32.46 5.38 9.21
CA LEU A 167 33.07 4.07 8.98
C LEU A 167 33.67 3.96 7.59
N VAL A 168 33.06 4.61 6.60
CA VAL A 168 33.64 4.68 5.26
C VAL A 168 35.02 5.32 5.31
N LYS A 169 35.08 6.51 5.90
CA LYS A 169 36.30 7.31 5.80
C LYS A 169 37.41 6.77 6.69
N ASN A 170 37.07 6.25 7.88
CA ASN A 170 38.09 5.91 8.87
C ASN A 170 38.44 4.43 8.91
N LYS A 171 37.46 3.53 8.85
CA LYS A 171 37.71 2.10 8.98
C LYS A 171 37.55 1.33 7.68
N LYS A 172 37.35 2.02 6.55
CA LYS A 172 37.23 1.39 5.24
C LYS A 172 36.14 0.32 5.23
N LEU A 173 34.92 0.76 5.59
CA LEU A 173 33.80 -0.18 5.70
C LEU A 173 33.46 -0.77 4.33
N TYR A 174 33.31 0.07 3.32
CA TYR A 174 33.19 -0.35 1.93
C TYR A 174 34.32 0.32 1.16
N GLU A 175 35.20 -0.46 0.56
CA GLU A 175 36.16 0.09 -0.38
C GLU A 175 35.74 -0.27 -1.79
N ALA A 176 36.44 0.29 -2.78
CA ALA A 176 36.03 0.16 -4.17
C ALA A 176 35.94 -1.31 -4.58
N ASN A 177 36.90 -2.12 -4.16
CA ASN A 177 36.90 -3.56 -4.41
C ASN A 177 36.95 -4.30 -3.07
N ASN A 178 36.01 -5.24 -2.90
CA ASN A 178 36.00 -6.16 -1.76
C ASN A 178 35.77 -5.37 -0.47
N SER A 179 35.60 -6.05 0.68
CA SER A 179 35.41 -5.37 1.95
C SER A 179 36.19 -6.11 3.04
N PRO A 180 36.83 -5.38 3.97
CA PRO A 180 37.54 -6.07 5.06
C PRO A 180 36.58 -6.76 6.02
N TYR A 181 35.34 -6.30 6.09
CA TYR A 181 34.35 -6.80 7.04
C TYR A 181 33.44 -7.80 6.33
N GLU A 182 33.23 -8.96 6.96
CA GLU A 182 32.37 -9.97 6.38
C GLU A 182 30.89 -9.65 6.58
N THR A 183 30.48 -9.41 7.82
CA THR A 183 29.10 -9.06 8.11
C THR A 183 29.06 -7.77 8.94
N GLY A 184 27.88 -7.17 8.99
CA GLY A 184 27.70 -5.96 9.76
C GLY A 184 26.28 -5.44 9.74
N TYR A 185 25.76 -5.06 10.91
CA TYR A 185 24.44 -4.47 11.01
C TYR A 185 24.48 -3.32 12.01
N ILE A 186 23.63 -2.32 11.77
CA ILE A 186 23.53 -1.16 12.63
C ILE A 186 22.24 -1.28 13.44
N LYS A 187 22.32 -0.94 14.72
CA LYS A 187 21.22 -1.13 15.67
C LYS A 187 20.87 0.20 16.33
N PHE A 188 19.62 0.62 16.19
CA PHE A 188 19.10 1.79 16.88
C PHE A 188 18.24 1.33 18.05
N ILE A 189 18.58 1.80 19.26
CA ILE A 189 17.86 1.45 20.48
C ILE A 189 17.29 2.74 21.06
N GLU A 190 15.96 2.83 21.05
CA GLU A 190 15.23 3.93 21.67
C GLU A 190 14.51 3.38 22.89
N ASN A 191 14.95 3.80 24.07
CA ASN A 191 14.41 3.34 25.34
C ASN A 191 14.36 1.81 25.39
N GLU A 192 13.14 1.28 25.51
CA GLU A 192 12.95 -0.16 25.56
C GLU A 192 13.11 -0.82 24.20
N ASN A 193 12.65 -0.16 23.15
CA ASN A 193 12.52 -0.78 21.83
C ASN A 193 13.77 -0.55 20.99
N SER A 194 13.92 -1.37 19.94
CA SER A 194 15.09 -1.29 19.10
C SER A 194 14.80 -1.93 17.75
N PHE A 195 15.59 -1.54 16.75
CA PHE A 195 15.53 -2.13 15.42
C PHE A 195 16.92 -2.12 14.83
N TRP A 196 17.11 -2.84 13.73
CA TRP A 196 18.43 -2.94 13.12
C TRP A 196 18.31 -3.03 11.61
N TYR A 197 19.42 -2.74 10.94
CA TYR A 197 19.52 -2.75 9.49
C TYR A 197 20.77 -3.50 9.07
N ASP A 198 20.65 -4.32 8.02
CA ASP A 198 21.79 -5.03 7.47
C ASP A 198 22.60 -4.09 6.59
N MET A 199 23.90 -4.00 6.86
CA MET A 199 24.77 -3.07 6.16
C MET A 199 25.41 -3.65 4.91
N MET A 200 25.33 -4.98 4.72
CA MET A 200 26.00 -5.64 3.60
C MET A 200 25.01 -5.91 2.46
N PRO A 201 25.49 -5.92 1.22
CA PRO A 201 24.58 -6.11 0.08
C PRO A 201 24.12 -7.56 -0.03
N ALA A 202 23.04 -7.74 -0.78
CA ALA A 202 22.54 -9.08 -1.03
C ALA A 202 23.53 -9.85 -1.89
N PRO A 203 23.61 -11.18 -1.71
CA PRO A 203 24.59 -11.97 -2.48
C PRO A 203 24.28 -11.97 -3.96
N GLY A 204 25.34 -12.12 -4.76
CA GLY A 204 25.24 -12.19 -6.20
C GLY A 204 26.20 -11.21 -6.85
N ASP A 205 26.07 -11.08 -8.17
CA ASP A 205 26.91 -10.18 -8.94
C ASP A 205 26.33 -8.78 -9.08
N LYS A 206 25.04 -8.62 -8.80
CA LYS A 206 24.33 -7.35 -8.94
C LYS A 206 24.17 -6.68 -7.59
N PHE A 207 23.83 -5.40 -7.63
CA PHE A 207 23.42 -4.67 -6.44
C PHE A 207 22.53 -3.51 -6.85
N ASP A 208 21.25 -3.59 -6.53
CA ASP A 208 20.30 -2.54 -6.86
C ASP A 208 20.29 -1.50 -5.75
N GLN A 209 20.68 -0.26 -6.09
CA GLN A 209 20.70 0.81 -5.09
C GLN A 209 19.30 1.14 -4.61
N SER A 210 18.33 1.19 -5.53
CA SER A 210 16.97 1.57 -5.15
C SER A 210 16.33 0.51 -4.25
N LYS A 211 16.57 -0.76 -4.53
CA LYS A 211 15.98 -1.81 -3.69
C LYS A 211 16.60 -1.81 -2.30
N TYR A 212 17.92 -1.58 -2.22
CA TYR A 212 18.56 -1.54 -0.91
C TYR A 212 18.09 -0.31 -0.12
N LEU A 213 18.13 0.87 -0.74
CA LEU A 213 17.70 2.09 -0.08
C LEU A 213 16.20 2.12 0.19
N MET A 214 15.43 1.23 -0.43
CA MET A 214 13.99 1.23 -0.23
C MET A 214 13.60 0.97 1.22
N MET A 215 14.50 0.39 2.02
CA MET A 215 14.24 0.20 3.45
C MET A 215 13.96 1.51 4.16
N TYR A 216 14.45 2.64 3.63
CA TYR A 216 14.26 3.94 4.26
C TYR A 216 12.88 4.54 3.97
N ASN A 217 12.05 3.89 3.15
CA ASN A 217 10.78 4.48 2.75
C ASN A 217 9.77 4.56 3.88
N ASP A 218 10.06 3.93 5.03
CA ASP A 218 9.15 4.02 6.18
C ASP A 218 9.22 5.38 6.85
N ASN A 219 10.27 6.17 6.58
CA ASN A 219 10.49 7.46 7.24
C ASN A 219 10.54 7.29 8.76
N LYS A 220 11.17 6.22 9.22
CA LYS A 220 11.30 5.96 10.64
C LYS A 220 12.13 7.05 11.31
N MET A 221 11.57 7.66 12.35
CA MET A 221 12.23 8.71 13.11
C MET A 221 12.46 8.25 14.55
N VAL A 222 13.45 8.88 15.18
CA VAL A 222 13.80 8.63 16.57
C VAL A 222 14.06 9.97 17.25
N ASP A 223 14.12 9.94 18.58
CA ASP A 223 14.45 11.11 19.37
C ASP A 223 15.95 11.13 19.60
N SER A 224 16.60 12.22 19.18
CA SER A 224 18.05 12.34 19.35
C SER A 224 18.48 12.40 20.80
N LYS A 225 17.55 12.60 21.74
CA LYS A 225 17.91 12.65 23.15
C LYS A 225 18.01 11.26 23.76
N ASP A 226 17.26 10.29 23.23
CA ASP A 226 17.16 8.97 23.83
C ASP A 226 17.76 7.85 22.99
N VAL A 227 18.01 8.09 21.70
CA VAL A 227 18.45 7.02 20.82
C VAL A 227 19.91 6.70 21.09
N LYS A 228 20.26 5.42 20.94
CA LYS A 228 21.63 4.94 21.08
C LYS A 228 21.94 4.01 19.91
N ILE A 229 23.16 4.11 19.40
CA ILE A 229 23.56 3.47 18.15
C ILE A 229 24.65 2.45 18.45
N GLU A 230 24.45 1.22 18.00
CA GLU A 230 25.44 0.14 18.18
C GLU A 230 25.66 -0.54 16.84
N VAL A 231 26.87 -0.47 16.32
CA VAL A 231 27.23 -1.14 15.06
C VAL A 231 27.97 -2.42 15.38
N TYR A 232 27.63 -3.50 14.67
CA TYR A 232 28.23 -4.81 14.90
C TYR A 232 28.79 -5.34 13.60
N LEU A 233 30.10 -5.55 13.55
CA LEU A 233 30.79 -6.07 12.37
C LEU A 233 31.58 -7.31 12.73
N THR A 234 31.61 -8.28 11.81
CA THR A 234 32.40 -9.50 11.98
C THR A 234 33.27 -9.69 10.75
N THR A 235 34.55 -9.96 10.97
CA THR A 235 35.49 -10.17 9.88
C THR A 235 35.62 -11.65 9.50
N SER B 1 -6.43 -2.15 8.51
CA SER B 1 -6.30 -3.39 9.27
C SER B 1 -5.79 -4.51 8.37
N GLN B 2 -6.31 -4.56 7.14
CA GLN B 2 -5.86 -5.57 6.19
C GLN B 2 -4.59 -5.08 5.48
N PRO B 3 -3.54 -5.89 5.45
CA PRO B 3 -2.32 -5.47 4.74
C PRO B 3 -2.58 -5.24 3.26
N ASP B 4 -2.00 -4.15 2.73
CA ASP B 4 -2.11 -3.85 1.32
C ASP B 4 -1.46 -4.96 0.50
N PRO B 5 -1.85 -5.12 -0.77
CA PRO B 5 -1.38 -6.24 -1.57
C PRO B 5 0.14 -6.34 -1.60
N LYS B 6 0.64 -7.54 -1.31
CA LYS B 6 2.07 -7.82 -1.37
C LYS B 6 2.53 -7.91 -2.83
N PRO B 7 3.83 -7.84 -3.06
CA PRO B 7 4.35 -8.00 -4.43
C PRO B 7 3.90 -9.32 -5.05
N ASP B 8 3.37 -9.24 -6.27
CA ASP B 8 2.89 -10.36 -7.06
C ASP B 8 1.69 -11.06 -6.44
N GLU B 9 1.03 -10.44 -5.46
CA GLU B 9 -0.17 -11.03 -4.89
C GLU B 9 -1.40 -10.83 -5.78
N LEU B 10 -1.47 -9.71 -6.49
CA LEU B 10 -2.62 -9.44 -7.34
C LEU B 10 -2.64 -10.39 -8.54
N HIS B 11 -3.84 -10.59 -9.08
CA HIS B 11 -4.02 -11.44 -10.25
C HIS B 11 -3.66 -10.67 -11.51
N LYS B 12 -2.91 -11.30 -12.40
CA LYS B 12 -2.56 -10.72 -13.68
C LYS B 12 -3.58 -11.14 -14.74
N SER B 13 -4.12 -10.17 -15.47
CA SER B 13 -5.10 -10.48 -16.50
C SER B 13 -4.47 -11.17 -17.70
N SER B 14 -3.17 -10.93 -17.94
CA SER B 14 -2.49 -11.61 -19.04
C SER B 14 -2.36 -13.10 -18.80
N LYS B 15 -2.35 -13.53 -17.54
CA LYS B 15 -2.37 -14.95 -17.17
C LYS B 15 -3.76 -15.54 -17.19
N PHE B 16 -4.76 -14.79 -17.63
CA PHE B 16 -6.13 -15.26 -17.78
C PHE B 16 -6.45 -15.31 -19.27
N THR B 17 -6.70 -16.53 -19.77
CA THR B 17 -6.98 -16.73 -21.19
C THR B 17 -8.45 -17.03 -21.45
N GLY B 18 -9.29 -16.95 -20.43
CA GLY B 18 -10.72 -17.10 -20.62
C GLY B 18 -11.34 -15.87 -21.24
N LEU B 19 -12.66 -15.83 -21.23
CA LEU B 19 -13.43 -14.74 -21.83
C LEU B 19 -13.74 -13.72 -20.74
N MET B 20 -13.15 -12.52 -20.87
CA MET B 20 -13.33 -11.48 -19.86
C MET B 20 -14.79 -11.05 -19.74
N GLU B 21 -15.61 -11.29 -20.77
CA GLU B 21 -17.02 -10.95 -20.70
C GLU B 21 -17.70 -11.61 -19.50
N ALA B 22 -17.23 -12.80 -19.11
CA ALA B 22 -17.79 -13.46 -17.93
C ALA B 22 -17.74 -12.55 -16.71
N MET B 23 -16.57 -11.95 -16.44
CA MET B 23 -16.47 -10.99 -15.36
C MET B 23 -17.24 -9.71 -15.66
N LYS B 24 -17.35 -9.35 -16.96
CA LYS B 24 -17.98 -8.07 -17.32
C LYS B 24 -19.45 -8.04 -16.94
N VAL B 25 -20.17 -9.14 -17.19
CA VAL B 25 -21.60 -9.19 -16.88
C VAL B 25 -21.85 -8.99 -15.39
N LEU B 26 -20.85 -9.26 -14.55
CA LEU B 26 -21.05 -9.09 -13.11
C LEU B 26 -21.23 -7.63 -12.73
N TYR B 27 -20.62 -6.71 -13.46
CA TYR B 27 -20.67 -5.29 -13.12
C TYR B 27 -21.19 -4.47 -14.29
N ASP B 28 -22.17 -5.00 -15.02
CA ASP B 28 -22.79 -4.26 -16.11
C ASP B 28 -24.00 -3.50 -15.56
N ASP B 29 -24.92 -3.09 -16.43
CA ASP B 29 -26.10 -2.34 -15.99
C ASP B 29 -27.06 -3.16 -15.15
N ASN B 30 -26.89 -4.49 -15.11
CA ASN B 30 -27.88 -5.37 -14.51
C ASN B 30 -27.38 -5.94 -13.20
N HIS B 31 -28.19 -5.83 -12.16
CA HIS B 31 -27.89 -6.40 -10.85
C HIS B 31 -29.20 -6.65 -10.13
N VAL B 32 -29.10 -7.10 -8.89
CA VAL B 32 -30.24 -7.34 -8.02
C VAL B 32 -30.37 -6.19 -7.05
N SER B 33 -31.51 -5.51 -7.07
CA SER B 33 -31.80 -4.39 -6.18
C SER B 33 -33.25 -4.50 -5.73
N ALA B 34 -33.47 -4.52 -4.42
CA ALA B 34 -34.80 -4.62 -3.84
C ALA B 34 -34.84 -3.81 -2.56
N ILE B 35 -36.01 -3.25 -2.27
CA ILE B 35 -36.22 -2.41 -1.11
C ILE B 35 -37.37 -2.97 -0.29
N ASN B 36 -37.15 -3.13 1.02
CA ASN B 36 -38.20 -3.49 1.98
C ASN B 36 -38.79 -4.87 1.68
N VAL B 37 -37.93 -5.87 1.75
CA VAL B 37 -38.31 -7.25 1.47
C VAL B 37 -37.89 -8.13 2.63
N LYS B 38 -38.72 -9.13 2.93
CA LYS B 38 -38.44 -10.12 3.98
C LYS B 38 -38.36 -11.49 3.34
N SER B 39 -37.58 -12.37 3.97
CA SER B 39 -37.38 -13.71 3.41
C SER B 39 -38.71 -14.46 3.33
N ILE B 40 -38.84 -15.29 2.30
CA ILE B 40 -40.03 -16.09 2.09
C ILE B 40 -39.76 -17.58 2.21
N ASP B 41 -38.52 -18.03 2.03
CA ASP B 41 -38.19 -19.44 2.07
C ASP B 41 -36.70 -19.57 2.33
N GLN B 42 -36.26 -20.79 2.62
CA GLN B 42 -34.87 -21.08 2.92
C GLN B 42 -34.50 -22.43 2.34
N PHE B 43 -33.48 -22.45 1.48
CA PHE B 43 -33.03 -23.70 0.87
C PHE B 43 -32.04 -24.43 1.79
N LEU B 44 -30.89 -23.81 2.04
CA LEU B 44 -29.92 -24.34 2.98
C LEU B 44 -29.78 -23.40 4.17
N TYR B 45 -29.10 -23.88 5.20
CA TYR B 45 -29.04 -23.14 6.46
C TYR B 45 -28.20 -21.87 6.40
N PHE B 46 -27.55 -21.57 5.28
CA PHE B 46 -26.79 -20.33 5.18
C PHE B 46 -27.28 -19.44 4.04
N ASP B 47 -28.46 -19.73 3.48
CA ASP B 47 -29.05 -18.89 2.44
C ASP B 47 -30.39 -18.34 2.92
N LEU B 48 -30.89 -17.36 2.18
CA LEU B 48 -32.24 -16.86 2.35
C LEU B 48 -32.84 -16.67 0.97
N ILE B 49 -34.16 -16.83 0.85
CA ILE B 49 -34.84 -16.76 -0.43
C ILE B 49 -35.84 -15.62 -0.38
N TYR B 50 -35.71 -14.67 -1.31
CA TYR B 50 -36.52 -13.47 -1.36
C TYR B 50 -37.34 -13.44 -2.65
N SER B 51 -38.60 -13.02 -2.52
CA SER B 51 -39.48 -12.83 -3.68
C SER B 51 -39.15 -11.48 -4.34
N ILE B 52 -37.99 -11.48 -5.00
CA ILE B 52 -37.50 -10.30 -5.71
C ILE B 52 -37.74 -10.47 -7.19
N LYS B 53 -38.14 -9.38 -7.83
CA LYS B 53 -38.77 -9.35 -9.14
C LYS B 53 -37.82 -8.72 -10.15
N ASP B 54 -37.69 -9.35 -11.32
CA ASP B 54 -36.88 -8.77 -12.39
C ASP B 54 -37.78 -7.94 -13.29
N THR B 55 -38.08 -6.73 -12.83
CA THR B 55 -38.89 -5.81 -13.62
C THR B 55 -38.20 -5.42 -14.92
N LYS B 56 -36.89 -5.68 -15.03
CA LYS B 56 -36.13 -5.24 -16.20
C LYS B 56 -36.37 -6.19 -17.38
N LEU B 57 -35.90 -7.43 -17.27
CA LEU B 57 -36.05 -8.40 -18.35
C LEU B 57 -36.94 -9.59 -17.98
N GLY B 58 -37.46 -9.63 -16.76
CA GLY B 58 -38.30 -10.75 -16.36
C GLY B 58 -37.57 -12.07 -16.28
N ASN B 59 -36.26 -12.04 -16.02
CA ASN B 59 -35.50 -13.28 -15.96
C ASN B 59 -35.82 -14.07 -14.69
N TYR B 60 -35.68 -13.44 -13.54
CA TYR B 60 -35.89 -14.13 -12.27
C TYR B 60 -37.10 -13.57 -11.54
N ASP B 61 -37.75 -14.44 -10.76
CA ASP B 61 -38.80 -14.03 -9.85
C ASP B 61 -38.45 -14.30 -8.38
N ASN B 62 -37.40 -15.07 -8.12
CA ASN B 62 -36.92 -15.33 -6.77
C ASN B 62 -35.41 -15.24 -6.76
N VAL B 63 -34.84 -14.80 -5.64
CA VAL B 63 -33.41 -14.56 -5.54
C VAL B 63 -32.89 -15.17 -4.24
N ARG B 64 -31.76 -15.87 -4.30
CA ARG B 64 -31.24 -16.64 -3.17
C ARG B 64 -29.91 -16.03 -2.70
N VAL B 65 -29.93 -15.38 -1.53
CA VAL B 65 -28.71 -14.83 -0.94
C VAL B 65 -27.97 -15.93 -0.22
N GLU B 66 -26.67 -16.02 -0.47
CA GLU B 66 -25.79 -16.95 0.22
C GLU B 66 -24.88 -16.18 1.18
N PHE B 67 -24.72 -16.69 2.40
CA PHE B 67 -23.88 -16.08 3.41
C PHE B 67 -22.73 -17.00 3.77
N LYS B 68 -21.71 -16.42 4.42
CA LYS B 68 -20.54 -17.20 4.79
C LYS B 68 -20.86 -18.21 5.87
N ASN B 69 -21.63 -17.82 6.89
CA ASN B 69 -21.95 -18.73 7.98
C ASN B 69 -23.46 -18.83 8.19
N LYS B 70 -23.87 -19.37 9.34
CA LYS B 70 -25.28 -19.51 9.67
C LYS B 70 -25.81 -18.30 10.45
N ASP B 71 -24.94 -17.63 11.21
CA ASP B 71 -25.40 -16.51 12.02
C ASP B 71 -25.96 -15.38 11.17
N LEU B 72 -25.49 -15.26 9.93
CA LEU B 72 -26.00 -14.21 9.06
C LEU B 72 -27.39 -14.54 8.56
N ALA B 73 -27.59 -15.75 8.04
CA ALA B 73 -28.91 -16.17 7.58
C ALA B 73 -29.93 -16.13 8.72
N ASP B 74 -29.54 -16.64 9.89
CA ASP B 74 -30.43 -16.58 11.04
C ASP B 74 -30.62 -15.15 11.51
N LYS B 75 -29.63 -14.27 11.27
CA LYS B 75 -29.80 -12.87 11.62
C LYS B 75 -30.88 -12.21 10.78
N TYR B 76 -30.68 -12.18 9.46
CA TYR B 76 -31.57 -11.46 8.56
C TYR B 76 -32.77 -12.30 8.11
N LYS B 77 -33.09 -13.38 8.83
CA LYS B 77 -34.15 -14.29 8.38
C LYS B 77 -35.51 -13.62 8.42
N ASP B 78 -35.89 -13.04 9.56
CA ASP B 78 -37.22 -12.50 9.76
C ASP B 78 -37.25 -10.98 9.73
N LYS B 79 -36.20 -10.34 9.21
CA LYS B 79 -36.09 -8.89 9.21
C LYS B 79 -36.36 -8.35 7.81
N TYR B 80 -37.04 -7.20 7.75
CA TYR B 80 -37.27 -6.53 6.48
C TYR B 80 -36.00 -5.81 6.06
N VAL B 81 -35.51 -6.10 4.85
CA VAL B 81 -34.18 -5.66 4.43
C VAL B 81 -34.26 -5.08 3.02
N ASP B 82 -33.17 -4.43 2.63
CA ASP B 82 -32.87 -4.07 1.26
C ASP B 82 -31.76 -4.97 0.74
N VAL B 83 -31.86 -5.31 -0.54
CA VAL B 83 -30.94 -6.24 -1.20
C VAL B 83 -30.27 -5.52 -2.36
N PHE B 84 -28.97 -5.74 -2.51
CA PHE B 84 -28.22 -5.12 -3.60
C PHE B 84 -26.98 -5.95 -3.85
N GLY B 85 -26.80 -6.42 -5.08
CA GLY B 85 -25.60 -7.17 -5.39
C GLY B 85 -25.66 -7.78 -6.78
N ALA B 86 -24.62 -8.56 -7.08
CA ALA B 86 -24.43 -9.14 -8.40
C ALA B 86 -24.95 -10.57 -8.42
N ASN B 87 -25.87 -10.85 -9.33
CA ASN B 87 -26.39 -12.19 -9.53
C ASN B 87 -25.55 -12.91 -10.59
N TYR B 88 -25.51 -14.24 -10.50
CA TYR B 88 -24.61 -15.00 -11.37
C TYR B 88 -25.21 -16.24 -12.00
N ALA B 89 -26.23 -16.86 -11.41
CA ALA B 89 -26.74 -18.13 -11.92
C ALA B 89 -28.23 -18.02 -12.22
N TYR B 90 -28.75 -19.08 -12.84
CA TYR B 90 -30.19 -19.27 -13.00
C TYR B 90 -30.49 -20.74 -12.76
N GLN B 91 -31.20 -21.04 -11.68
CA GLN B 91 -31.48 -22.41 -11.27
C GLN B 91 -32.98 -22.60 -11.11
N CYS B 92 -33.39 -23.86 -10.92
CA CYS B 92 -34.78 -24.20 -10.69
C CYS B 92 -34.85 -25.36 -9.70
N TYR B 93 -35.69 -25.20 -8.68
CA TYR B 93 -35.90 -26.22 -7.66
C TYR B 93 -37.09 -25.86 -6.77
N ASP B 107 -42.81 -22.23 -14.37
CA ASP B 107 -42.47 -21.08 -13.56
C ASP B 107 -41.16 -20.45 -14.01
N LYS B 108 -40.88 -19.24 -13.54
CA LYS B 108 -39.62 -18.59 -13.85
C LYS B 108 -38.50 -19.18 -13.00
N ALA B 109 -37.26 -18.91 -13.41
CA ALA B 109 -36.12 -19.44 -12.69
C ALA B 109 -35.76 -18.54 -11.51
N LYS B 110 -34.76 -18.98 -10.75
CA LYS B 110 -34.25 -18.22 -9.63
C LYS B 110 -32.76 -17.96 -9.83
N THR B 111 -32.31 -16.80 -9.36
CA THR B 111 -30.92 -16.41 -9.46
C THR B 111 -30.29 -16.35 -8.08
N CYS B 112 -28.97 -16.43 -8.04
CA CYS B 112 -28.21 -16.51 -6.81
C CYS B 112 -27.30 -15.31 -6.67
N MET B 113 -26.92 -15.02 -5.42
CA MET B 113 -25.93 -13.99 -5.13
C MET B 113 -25.40 -14.23 -3.73
N TYR B 114 -24.53 -13.32 -3.28
CA TYR B 114 -23.88 -13.41 -1.98
C TYR B 114 -24.07 -12.10 -1.23
N GLY B 115 -24.50 -12.20 0.02
CA GLY B 115 -24.55 -11.03 0.89
C GLY B 115 -25.41 -9.92 0.31
N GLY B 116 -24.95 -8.68 0.49
CA GLY B 116 -25.67 -7.54 -0.06
C GLY B 116 -26.99 -7.24 0.60
N VAL B 117 -27.14 -7.60 1.87
CA VAL B 117 -28.39 -7.43 2.60
C VAL B 117 -28.16 -6.44 3.74
N THR B 118 -28.92 -5.35 3.74
CA THR B 118 -28.87 -4.37 4.83
C THR B 118 -30.26 -4.21 5.42
N GLU B 119 -30.32 -3.92 6.72
CA GLU B 119 -31.61 -3.69 7.35
C GLU B 119 -32.25 -2.43 6.79
N HIS B 120 -33.59 -2.42 6.72
CA HIS B 120 -34.31 -1.30 6.14
C HIS B 120 -34.49 -0.18 7.15
N ASN B 121 -35.18 -0.47 8.25
CA ASN B 121 -35.56 0.57 9.21
C ASN B 121 -34.35 1.24 9.83
N GLY B 122 -34.43 2.57 9.95
CA GLY B 122 -33.35 3.34 10.54
C GLY B 122 -32.08 3.34 9.72
N ASN B 123 -32.18 3.11 8.41
CA ASN B 123 -31.01 3.04 7.55
C ASN B 123 -31.13 3.89 6.29
N GLN B 124 -32.23 4.60 6.10
CA GLN B 124 -32.44 5.41 4.91
C GLN B 124 -32.07 6.87 5.18
N LEU B 125 -31.41 7.49 4.20
CA LEU B 125 -31.00 8.87 4.30
C LEU B 125 -31.98 9.78 3.57
N ASP B 126 -31.95 11.06 3.93
CA ASP B 126 -32.81 12.07 3.30
C ASP B 126 -32.45 12.25 1.83
N LYS B 127 -31.28 12.82 1.57
CA LYS B 127 -30.79 12.99 0.21
C LYS B 127 -29.72 11.93 -0.10
N TYR B 128 -29.24 11.95 -1.35
CA TYR B 128 -28.27 10.96 -1.81
C TYR B 128 -26.88 11.31 -1.32
N ARG B 129 -26.31 10.42 -0.50
CA ARG B 129 -24.95 10.62 0.01
C ARG B 129 -23.94 10.22 -1.06
N SER B 130 -22.99 11.11 -1.32
CA SER B 130 -21.96 10.89 -2.32
C SER B 130 -20.69 10.38 -1.65
N ILE B 131 -20.02 9.45 -2.31
CA ILE B 131 -18.74 8.92 -1.87
C ILE B 131 -17.76 9.09 -3.02
N THR B 132 -16.62 9.73 -2.72
CA THR B 132 -15.63 10.04 -3.75
C THR B 132 -14.69 8.86 -3.95
N VAL B 133 -14.43 8.54 -5.21
CA VAL B 133 -13.59 7.43 -5.61
C VAL B 133 -12.41 8.01 -6.40
N ARG B 134 -11.20 7.79 -5.89
CA ARG B 134 -9.97 8.18 -6.56
C ARG B 134 -9.40 6.96 -7.27
N VAL B 135 -9.02 7.14 -8.53
CA VAL B 135 -8.48 6.08 -9.37
C VAL B 135 -7.03 6.42 -9.73
N PHE B 136 -6.14 5.44 -9.60
CA PHE B 136 -4.72 5.63 -9.86
C PHE B 136 -4.30 4.66 -10.96
N GLU B 137 -3.89 5.20 -12.12
CA GLU B 137 -3.39 4.41 -13.23
C GLU B 137 -1.87 4.42 -13.16
N ASP B 138 -1.30 3.27 -12.78
CA ASP B 138 0.15 3.08 -12.69
C ASP B 138 0.81 4.03 -11.70
N GLY B 139 0.03 4.67 -10.83
CA GLY B 139 0.60 5.52 -9.81
C GLY B 139 0.00 6.91 -9.71
N LYS B 140 -0.32 7.52 -10.85
CA LYS B 140 -0.84 8.88 -10.86
C LYS B 140 -2.36 8.87 -10.76
N ASN B 141 -2.90 9.82 -10.00
CA ASN B 141 -4.35 9.98 -9.83
C ASN B 141 -4.88 10.76 -11.01
N LEU B 142 -5.39 10.06 -12.02
CA LEU B 142 -5.91 10.69 -13.23
C LEU B 142 -7.42 10.81 -13.24
N LEU B 143 -8.13 10.06 -12.40
CA LEU B 143 -9.58 9.97 -12.47
C LEU B 143 -10.17 9.99 -11.07
N SER B 144 -11.35 10.59 -10.94
CA SER B 144 -12.03 10.67 -9.64
C SER B 144 -13.51 10.90 -9.90
N PHE B 145 -14.37 10.00 -9.41
CA PHE B 145 -15.81 10.12 -9.63
C PHE B 145 -16.55 9.79 -8.34
N ASP B 146 -17.81 10.21 -8.27
CA ASP B 146 -18.64 9.99 -7.10
C ASP B 146 -19.64 8.87 -7.35
N VAL B 147 -19.93 8.10 -6.29
CA VAL B 147 -20.98 7.09 -6.30
C VAL B 147 -21.93 7.38 -5.14
N GLN B 148 -23.22 7.32 -5.41
CA GLN B 148 -24.23 7.74 -4.45
C GLN B 148 -24.90 6.54 -3.79
N THR B 149 -25.47 6.78 -2.61
CA THR B 149 -26.26 5.77 -1.91
C THR B 149 -27.10 6.45 -0.84
N ASN B 150 -28.24 5.83 -0.52
CA ASN B 150 -29.17 6.33 0.49
C ASN B 150 -29.17 5.46 1.74
N LYS B 151 -28.06 4.79 2.02
CA LYS B 151 -27.96 3.86 3.12
C LYS B 151 -26.91 4.35 4.11
N LYS B 152 -27.32 4.52 5.36
CA LYS B 152 -26.35 4.84 6.41
C LYS B 152 -25.28 3.76 6.48
N LYS B 153 -25.69 2.51 6.60
CA LYS B 153 -24.81 1.36 6.48
C LYS B 153 -25.05 0.72 5.11
N VAL B 154 -23.98 0.56 4.33
CA VAL B 154 -24.07 0.02 2.98
C VAL B 154 -23.04 -1.09 2.83
N THR B 155 -23.43 -2.16 2.12
CA THR B 155 -22.49 -3.26 1.88
C THR B 155 -21.34 -2.80 0.99
N ALA B 156 -20.16 -3.36 1.23
CA ALA B 156 -19.03 -3.09 0.37
C ALA B 156 -19.29 -3.61 -1.05
N GLN B 157 -20.16 -4.61 -1.17
CA GLN B 157 -20.53 -5.10 -2.50
C GLN B 157 -21.21 -4.02 -3.33
N GLU B 158 -22.10 -3.25 -2.72
CA GLU B 158 -22.83 -2.22 -3.45
C GLU B 158 -21.89 -1.13 -3.97
N LEU B 159 -21.03 -0.61 -3.09
CA LEU B 159 -20.09 0.43 -3.51
C LEU B 159 -19.11 -0.12 -4.55
N ASP B 160 -18.67 -1.37 -4.36
CA ASP B 160 -17.80 -1.99 -5.35
C ASP B 160 -18.49 -2.11 -6.70
N TYR B 161 -19.77 -2.49 -6.71
CA TYR B 161 -20.49 -2.62 -7.97
C TYR B 161 -20.68 -1.27 -8.65
N LEU B 162 -20.94 -0.23 -7.87
CA LEU B 162 -21.08 1.11 -8.43
C LEU B 162 -19.77 1.56 -9.05
N THR B 163 -18.67 1.45 -8.29
CA THR B 163 -17.36 1.84 -8.80
C THR B 163 -16.99 1.06 -10.05
N ARG B 164 -16.98 -0.27 -9.95
CA ARG B 164 -16.62 -1.09 -11.09
C ARG B 164 -17.57 -0.88 -12.27
N HIS B 165 -18.81 -0.47 -12.00
CA HIS B 165 -19.74 -0.19 -13.10
C HIS B 165 -19.31 1.07 -13.85
N TYR B 166 -19.02 2.14 -13.11
CA TYR B 166 -18.49 3.33 -13.75
C TYR B 166 -17.23 3.02 -14.54
N LEU B 167 -16.34 2.20 -13.97
CA LEU B 167 -15.12 1.84 -14.69
C LEU B 167 -15.41 0.98 -15.90
N VAL B 168 -16.44 0.14 -15.83
CA VAL B 168 -16.85 -0.64 -17.00
C VAL B 168 -17.27 0.29 -18.13
N LYS B 169 -18.17 1.23 -17.83
CA LYS B 169 -18.77 2.01 -18.90
C LYS B 169 -17.82 3.07 -19.45
N ASN B 170 -16.97 3.66 -18.60
CA ASN B 170 -16.18 4.81 -19.00
C ASN B 170 -14.74 4.49 -19.35
N LYS B 171 -14.06 3.63 -18.58
CA LYS B 171 -12.64 3.35 -18.81
C LYS B 171 -12.39 1.94 -19.35
N LYS B 172 -13.45 1.20 -19.70
CA LYS B 172 -13.33 -0.14 -20.29
C LYS B 172 -12.49 -1.06 -19.39
N LEU B 173 -12.94 -1.19 -18.15
CA LEU B 173 -12.21 -1.99 -17.16
C LEU B 173 -12.16 -3.46 -17.57
N TYR B 174 -13.32 -4.02 -17.90
CA TYR B 174 -13.40 -5.34 -18.50
C TYR B 174 -14.08 -5.22 -19.85
N GLU B 175 -13.39 -5.60 -20.91
CA GLU B 175 -13.95 -5.71 -22.25
C GLU B 175 -14.48 -7.13 -22.47
N ALA B 176 -15.11 -7.33 -23.62
CA ALA B 176 -15.54 -8.68 -23.99
C ALA B 176 -14.34 -9.60 -24.17
N ASN B 177 -13.30 -9.11 -24.84
CA ASN B 177 -12.06 -9.85 -25.03
C ASN B 177 -10.91 -9.02 -24.48
N ASN B 178 -10.10 -9.64 -23.61
CA ASN B 178 -8.87 -9.05 -23.09
C ASN B 178 -9.21 -7.85 -22.21
N SER B 179 -8.22 -7.28 -21.53
CA SER B 179 -8.39 -6.10 -20.67
C SER B 179 -7.23 -5.13 -20.87
N PRO B 180 -7.51 -3.82 -20.93
CA PRO B 180 -6.41 -2.86 -21.03
C PRO B 180 -5.58 -2.78 -19.76
N TYR B 181 -6.15 -3.16 -18.62
CA TYR B 181 -5.51 -3.06 -17.33
C TYR B 181 -4.94 -4.42 -16.94
N GLU B 182 -3.68 -4.44 -16.50
CA GLU B 182 -3.05 -5.69 -16.10
C GLU B 182 -3.49 -6.12 -14.70
N THR B 183 -3.34 -5.24 -13.72
CA THR B 183 -3.77 -5.53 -12.35
C THR B 183 -4.68 -4.42 -11.85
N GLY B 184 -5.39 -4.72 -10.76
CA GLY B 184 -6.28 -3.76 -10.16
C GLY B 184 -6.96 -4.27 -8.91
N TYR B 185 -6.99 -3.44 -7.87
CA TYR B 185 -7.69 -3.78 -6.64
C TYR B 185 -8.42 -2.55 -6.13
N ILE B 186 -9.54 -2.78 -5.46
CA ILE B 186 -10.35 -1.72 -4.87
C ILE B 186 -10.15 -1.73 -3.36
N LYS B 187 -10.02 -0.54 -2.78
CA LYS B 187 -9.67 -0.39 -1.38
C LYS B 187 -10.73 0.46 -0.68
N PHE B 188 -11.33 -0.09 0.37
CA PHE B 188 -12.26 0.63 1.22
C PHE B 188 -11.57 0.99 2.53
N ILE B 189 -11.54 2.28 2.85
CA ILE B 189 -10.91 2.78 4.07
C ILE B 189 -11.98 3.43 4.91
N GLU B 190 -12.26 2.85 6.08
CA GLU B 190 -13.17 3.39 7.07
C GLU B 190 -12.33 3.81 8.28
N ASN B 191 -12.23 5.12 8.50
CA ASN B 191 -11.45 5.68 9.63
C ASN B 191 -10.02 5.15 9.54
N GLU B 192 -9.52 4.45 10.56
CA GLU B 192 -8.16 3.95 10.50
C GLU B 192 -8.05 2.54 9.93
N ASN B 193 -9.16 1.83 9.78
CA ASN B 193 -9.10 0.48 9.25
C ASN B 193 -9.43 0.49 7.77
N SER B 194 -9.01 -0.56 7.07
CA SER B 194 -9.20 -0.65 5.63
C SER B 194 -9.10 -2.10 5.18
N PHE B 195 -9.70 -2.38 4.03
CA PHE B 195 -9.61 -3.68 3.39
C PHE B 195 -9.63 -3.48 1.88
N TRP B 196 -9.31 -4.53 1.14
CA TRP B 196 -9.24 -4.42 -0.31
C TRP B 196 -9.68 -5.71 -0.96
N TYR B 197 -10.02 -5.62 -2.24
CA TYR B 197 -10.50 -6.73 -3.04
C TYR B 197 -9.76 -6.74 -4.38
N ASP B 198 -9.37 -7.93 -4.82
CA ASP B 198 -8.74 -8.09 -6.13
C ASP B 198 -9.81 -8.06 -7.22
N MET B 199 -9.62 -7.19 -8.21
CA MET B 199 -10.60 -6.99 -9.26
C MET B 199 -10.38 -7.89 -10.47
N MET B 200 -9.23 -8.58 -10.56
CA MET B 200 -8.91 -9.39 -11.73
C MET B 200 -9.18 -10.86 -11.45
N PRO B 201 -9.53 -11.64 -12.48
CA PRO B 201 -9.86 -13.04 -12.27
C PRO B 201 -8.62 -13.88 -11.99
N ALA B 202 -8.85 -15.07 -11.44
CA ALA B 202 -7.76 -16.00 -11.20
C ALA B 202 -7.19 -16.50 -12.53
N PRO B 203 -5.89 -16.78 -12.58
CA PRO B 203 -5.29 -17.21 -13.85
C PRO B 203 -5.83 -18.55 -14.32
N GLY B 204 -5.81 -18.73 -15.63
CA GLY B 204 -6.26 -19.95 -16.27
C GLY B 204 -7.25 -19.66 -17.38
N ASP B 205 -7.86 -20.73 -17.89
CA ASP B 205 -8.82 -20.62 -18.97
C ASP B 205 -10.26 -20.50 -18.47
N LYS B 206 -10.54 -20.87 -17.22
CA LYS B 206 -11.89 -20.85 -16.69
C LYS B 206 -12.02 -19.78 -15.62
N PHE B 207 -13.26 -19.31 -15.43
CA PHE B 207 -13.56 -18.30 -14.43
C PHE B 207 -14.92 -18.63 -13.80
N ASP B 208 -14.91 -19.01 -12.54
CA ASP B 208 -16.13 -19.34 -11.82
C ASP B 208 -16.73 -18.07 -11.21
N GLN B 209 -17.94 -17.71 -11.65
CA GLN B 209 -18.58 -16.51 -11.11
C GLN B 209 -18.93 -16.69 -9.64
N SER B 210 -19.43 -17.87 -9.25
CA SER B 210 -19.85 -18.08 -7.87
C SER B 210 -18.65 -18.05 -6.93
N LYS B 211 -17.51 -18.62 -7.34
CA LYS B 211 -16.34 -18.61 -6.47
C LYS B 211 -15.78 -17.21 -6.32
N TYR B 212 -15.78 -16.43 -7.40
CA TYR B 212 -15.30 -15.05 -7.30
C TYR B 212 -16.22 -14.20 -6.44
N LEU B 213 -17.53 -14.26 -6.72
CA LEU B 213 -18.51 -13.49 -5.96
C LEU B 213 -18.64 -13.98 -4.53
N MET B 214 -18.13 -15.17 -4.21
CA MET B 214 -18.27 -15.70 -2.86
C MET B 214 -17.59 -14.82 -1.82
N MET B 215 -16.66 -13.95 -2.23
CA MET B 215 -16.03 -13.02 -1.32
C MET B 215 -17.05 -12.10 -0.64
N TYR B 216 -18.20 -11.88 -1.27
CA TYR B 216 -19.23 -11.00 -0.73
C TYR B 216 -20.08 -11.68 0.35
N ASN B 217 -19.86 -12.96 0.64
CA ASN B 217 -20.73 -13.68 1.56
C ASN B 217 -20.55 -13.22 3.01
N ASP B 218 -19.54 -12.40 3.29
CA ASP B 218 -19.37 -11.89 4.65
C ASP B 218 -20.39 -10.80 4.99
N ASN B 219 -21.07 -10.24 4.00
CA ASN B 219 -22.00 -9.13 4.20
C ASN B 219 -21.34 -7.96 4.89
N LYS B 220 -20.08 -7.68 4.52
CA LYS B 220 -19.34 -6.58 5.10
C LYS B 220 -20.02 -5.25 4.77
N MET B 221 -20.31 -4.48 5.81
CA MET B 221 -20.94 -3.17 5.67
C MET B 221 -20.00 -2.08 6.15
N VAL B 222 -20.23 -0.87 5.64
CA VAL B 222 -19.47 0.32 6.02
C VAL B 222 -20.45 1.48 6.18
N ASP B 223 -19.96 2.55 6.81
CA ASP B 223 -20.75 3.77 6.97
C ASP B 223 -20.47 4.69 5.79
N SER B 224 -21.53 5.06 5.07
CA SER B 224 -21.39 5.92 3.90
C SER B 224 -20.88 7.32 4.26
N LYS B 225 -20.88 7.70 5.54
CA LYS B 225 -20.40 9.02 5.93
C LYS B 225 -18.89 9.04 6.07
N ASP B 226 -18.27 7.91 6.41
CA ASP B 226 -16.85 7.86 6.73
C ASP B 226 -16.02 7.07 5.73
N VAL B 227 -16.64 6.24 4.90
CA VAL B 227 -15.89 5.36 4.01
C VAL B 227 -15.28 6.16 2.86
N LYS B 228 -14.10 5.75 2.42
CA LYS B 228 -13.41 6.33 1.28
C LYS B 228 -12.91 5.21 0.39
N ILE B 229 -13.01 5.42 -0.93
CA ILE B 229 -12.77 4.39 -1.92
C ILE B 229 -11.58 4.78 -2.78
N GLU B 230 -10.60 3.88 -2.89
CA GLU B 230 -9.41 4.09 -3.71
C GLU B 230 -9.21 2.88 -4.59
N VAL B 231 -9.27 3.07 -5.91
CA VAL B 231 -9.04 1.99 -6.86
C VAL B 231 -7.63 2.14 -7.42
N TYR B 232 -6.92 1.02 -7.55
CA TYR B 232 -5.53 1.02 -8.01
C TYR B 232 -5.41 0.05 -9.18
N LEU B 233 -5.03 0.57 -10.34
CA LEU B 233 -4.86 -0.24 -11.55
C LEU B 233 -3.47 -0.02 -12.12
N THR B 234 -2.88 -1.08 -12.66
CA THR B 234 -1.57 -1.03 -13.32
C THR B 234 -1.68 -1.66 -14.69
N THR B 235 -1.17 -0.97 -15.70
CA THR B 235 -1.23 -1.47 -17.07
C THR B 235 0.03 -2.24 -17.44
#